data_2ZFF
#
_entry.id   2ZFF
#
_cell.length_a   70.1
_cell.length_b   71.5
_cell.length_c   72.5
_cell.angle_alpha   90.00
_cell.angle_beta   100.3
_cell.angle_gamma   90.00
#
_symmetry.space_group_name_H-M   'C 1 2 1'
#
loop_
_entity.id
_entity.type
_entity.pdbx_description
1 polymer 'Thrombin light chain'
2 polymer 'Thrombin heavy chain'
3 polymer 'Hirudin variant-1'
4 non-polymer 'SODIUM ION'
5 non-polymer D-phenylalanyl-N-benzyl-L-prolinamide
6 water water
#
loop_
_entity_poly.entity_id
_entity_poly.type
_entity_poly.pdbx_seq_one_letter_code
_entity_poly.pdbx_strand_id
1 'polypeptide(L)' TFGSGEADCGLRPLFEKKSLEDKTERELLESYIDGR L
2 'polypeptide(L)'
;IVEGSDAEIGMSPWQVMLFRKSPQELLCGASLISDRWVLTAAHCLLYPPWDKNFTENDLLVRIGKHSRTRYERNIEKISM
LEKIYIHPRYNWRENLDRDIALMKLKKPVAFSDYIHPVCLPDRETAASLLQAGYKGRVTGWGNLKETWTANVGKGQPSVL
QVVNLPIVERPVCKDSTRIRITDNMFCAGYKPDEGKRGDACEGDSGGPFVMKSPFNNRWYQMGIVSWGEGCDRDGKYGFY
THVFRLKKWIQKVIDQFGE
;
H
3 'polypeptide(L)' GDFEEIPEE(TYS)L I
#
loop_
_chem_comp.id
_chem_comp.type
_chem_comp.name
_chem_comp.formula
53U peptide-like D-phenylalanyl-N-benzyl-L-prolinamide 'C21 H25 N3 O2'
NA non-polymer 'SODIUM ION' 'Na 1'
#
# COMPACT_ATOMS: atom_id res chain seq x y z
N GLU A 6 1.24 -0.57 -16.95
CA GLU A 6 1.04 -0.29 -18.37
C GLU A 6 1.14 1.19 -18.74
N ALA A 7 0.80 1.45 -20.01
CA ALA A 7 1.06 2.76 -20.60
C ALA A 7 0.35 3.89 -19.87
N ASP A 8 -0.78 3.63 -19.23
CA ASP A 8 -1.61 4.65 -18.61
C ASP A 8 -1.50 4.62 -17.10
N CYS A 9 -0.49 3.90 -16.59
CA CYS A 9 -0.43 3.73 -15.14
C CYS A 9 -0.32 5.07 -14.43
N GLY A 10 -0.79 5.12 -13.20
CA GLY A 10 -0.51 6.27 -12.36
C GLY A 10 -1.26 7.53 -12.72
N LEU A 11 -2.18 7.50 -13.68
CA LEU A 11 -3.00 8.66 -14.07
C LEU A 11 -4.43 8.37 -13.66
N ARG A 12 -4.91 9.07 -12.63
CA ARG A 12 -6.22 8.65 -12.09
C ARG A 12 -7.35 9.22 -12.94
N PRO A 13 -8.33 8.39 -13.25
CA PRO A 13 -9.51 8.87 -13.99
C PRO A 13 -10.13 10.12 -13.41
N LEU A 14 -10.27 10.20 -12.07
CA LEU A 14 -11.01 11.30 -11.46
CA LEU A 14 -11.05 11.35 -11.57
C LEU A 14 -10.18 12.54 -11.19
N PHE A 15 -8.86 12.47 -11.43
CA PHE A 15 -7.96 13.58 -11.12
C PHE A 15 -7.09 13.88 -12.32
N GLU A 16 -5.90 13.24 -12.51
CA GLU A 16 -5.07 13.63 -13.65
C GLU A 16 -5.79 13.55 -14.99
N LYS A 17 -6.63 12.54 -15.21
CA LYS A 17 -7.21 12.47 -16.56
C LYS A 17 -8.17 13.61 -16.86
N LYS A 18 -8.70 14.25 -15.83
CA LYS A 18 -9.59 15.39 -15.96
C LYS A 18 -8.92 16.72 -15.59
N SER A 19 -7.60 16.69 -15.36
CA SER A 19 -6.88 17.88 -14.86
C SER A 19 -7.53 18.42 -13.58
N LEU A 20 -7.92 17.50 -12.67
CA LEU A 20 -8.35 17.95 -11.35
C LEU A 20 -7.30 17.51 -10.32
N GLU A 21 -7.06 18.39 -9.33
CA GLU A 21 -6.12 18.00 -8.27
C GLU A 21 -6.88 17.56 -7.03
N ASP A 22 -6.25 16.61 -6.30
CA ASP A 22 -6.84 16.23 -5.01
C ASP A 22 -6.45 17.23 -3.92
N LYS A 23 -7.06 17.15 -2.73
CA LYS A 23 -6.85 18.26 -1.80
C LYS A 23 -5.46 18.28 -1.19
N THR A 24 -4.61 17.25 -1.31
CA THR A 24 -3.34 17.36 -0.58
C THR A 24 -2.14 17.03 -1.48
N GLU A 25 -2.33 16.78 -2.78
CA GLU A 25 -1.16 16.42 -3.59
C GLU A 25 -0.17 17.58 -3.68
N ARG A 26 -0.63 18.81 -3.53
CA ARG A 26 0.33 19.90 -3.59
C ARG A 26 1.31 19.80 -2.43
N GLU A 27 0.94 19.24 -1.28
CA GLU A 27 1.87 19.09 -0.16
C GLU A 27 3.05 18.21 -0.58
N LEU A 28 2.71 17.17 -1.36
CA LEU A 28 3.82 16.36 -1.89
C LEU A 28 4.71 17.16 -2.82
N LEU A 29 4.14 17.84 -3.80
CA LEU A 29 4.93 18.61 -4.78
C LEU A 29 5.86 19.59 -4.07
N GLU A 30 5.31 20.30 -3.07
CA GLU A 30 6.12 21.31 -2.40
C GLU A 30 7.30 20.70 -1.64
N SER A 31 7.27 19.40 -1.31
CA SER A 31 8.37 18.78 -0.58
C SER A 31 9.47 18.34 -1.55
N TYR A 32 9.18 18.37 -2.86
CA TYR A 32 10.17 17.88 -3.84
C TYR A 32 11.05 19.06 -4.21
N ILE A 33 11.90 19.49 -3.30
CA ILE A 33 12.76 20.65 -3.19
C ILE A 33 13.98 20.69 -4.11
N ILE B 1 -4.65 3.69 9.55
CA ILE B 1 -3.87 4.94 9.42
C ILE B 1 -4.15 5.82 10.60
N VAL B 2 -3.15 6.35 11.27
CA VAL B 2 -3.32 7.24 12.40
CA VAL B 2 -3.29 7.24 12.42
C VAL B 2 -3.11 8.68 11.94
N GLU B 3 -4.01 9.55 12.37
CA GLU B 3 -3.95 10.98 12.11
C GLU B 3 -3.93 11.32 10.62
N GLY B 4 -4.64 10.48 9.87
CA GLY B 4 -4.89 10.73 8.44
C GLY B 4 -6.27 11.34 8.27
N SER B 5 -6.76 11.29 7.04
CA SER B 5 -8.05 11.85 6.67
CA SER B 5 -8.09 11.82 6.74
C SER B 5 -8.80 10.90 5.76
N ASP B 6 -10.11 11.08 5.62
CA ASP B 6 -10.85 10.32 4.66
C ASP B 6 -10.34 10.56 3.25
N ALA B 7 -10.14 9.49 2.50
CA ALA B 7 -9.76 9.69 1.11
C ALA B 7 -10.88 10.37 0.34
N GLU B 8 -10.55 11.06 -0.73
CA GLU B 8 -11.49 11.50 -1.76
C GLU B 8 -11.89 10.30 -2.62
N ILE B 9 -13.07 10.38 -3.23
CA ILE B 9 -13.50 9.32 -4.15
C ILE B 9 -12.55 9.25 -5.34
N GLY B 10 -12.06 8.07 -5.65
CA GLY B 10 -11.15 7.86 -6.75
C GLY B 10 -9.73 8.35 -6.49
N MET B 11 -9.39 8.70 -5.24
CA MET B 11 -8.08 9.26 -4.97
C MET B 11 -6.95 8.27 -5.06
N SER B 12 -7.26 6.98 -4.83
CA SER B 12 -6.24 5.93 -4.83
CA SER B 12 -6.27 5.91 -4.77
C SER B 12 -6.81 4.69 -5.51
N PRO B 13 -7.02 4.78 -6.84
CA PRO B 13 -7.80 3.74 -7.56
C PRO B 13 -7.04 2.43 -7.71
N TRP B 14 -5.76 2.47 -7.31
CA TRP B 14 -4.94 1.27 -7.25
C TRP B 14 -5.04 0.59 -5.88
N GLN B 15 -5.77 1.14 -4.93
CA GLN B 15 -5.88 0.50 -3.63
C GLN B 15 -6.62 -0.82 -3.66
N VAL B 16 -6.04 -1.83 -2.99
CA VAL B 16 -6.66 -3.16 -2.97
C VAL B 16 -6.85 -3.57 -1.52
N MET B 17 -7.98 -4.19 -1.23
CA MET B 17 -8.18 -4.82 0.06
C MET B 17 -8.03 -6.31 -0.07
N LEU B 18 -7.14 -6.87 0.77
CA LEU B 18 -7.08 -8.33 0.85
CA LEU B 18 -6.98 -8.30 0.95
C LEU B 18 -8.07 -8.74 1.93
N PHE B 19 -8.96 -9.65 1.54
CA PHE B 19 -10.12 -9.97 2.37
C PHE B 19 -10.12 -11.44 2.68
N ARG B 20 -10.23 -11.83 3.94
CA ARG B 20 -10.32 -13.22 4.33
C ARG B 20 -11.73 -13.75 4.06
N LYS B 21 -11.84 -14.94 3.50
CA LYS B 21 -13.15 -15.46 3.09
C LYS B 21 -13.99 -15.92 4.27
N SER B 22 -13.35 -16.61 5.20
CA SER B 22 -14.11 -17.01 6.41
C SER B 22 -13.09 -17.15 7.53
N PRO B 23 -13.17 -16.43 8.64
CA PRO B 23 -14.12 -15.34 8.90
C PRO B 23 -13.89 -14.14 7.98
N GLN B 24 -14.99 -13.63 7.45
CA GLN B 24 -14.94 -12.52 6.50
C GLN B 24 -14.34 -11.30 7.20
N GLU B 25 -13.10 -10.95 6.86
CA GLU B 25 -12.48 -9.82 7.54
C GLU B 25 -11.33 -9.20 6.75
N LEU B 26 -10.95 -7.97 7.12
CA LEU B 26 -9.81 -7.34 6.43
CA LEU B 26 -9.81 -7.28 6.51
C LEU B 26 -8.54 -8.06 6.83
N LEU B 27 -7.74 -8.42 5.84
CA LEU B 27 -6.43 -8.95 6.21
C LEU B 27 -5.32 -7.95 5.99
N CYS B 28 -5.32 -7.22 4.92
CA CYS B 28 -4.19 -6.34 4.60
C CYS B 28 -4.63 -5.41 3.48
N GLY B 29 -3.79 -4.42 3.23
CA GLY B 29 -3.86 -3.61 2.02
C GLY B 29 -2.97 -4.30 0.96
N ALA B 30 -3.02 -3.73 -0.23
CA ALA B 30 -2.34 -4.20 -1.42
C ALA B 30 -2.54 -3.15 -2.51
N SER B 31 -1.95 -3.34 -3.68
CA SER B 31 -2.10 -2.37 -4.75
C SER B 31 -2.19 -3.04 -6.11
N LEU B 32 -2.88 -2.41 -7.03
CA LEU B 32 -3.10 -2.91 -8.39
C LEU B 32 -1.98 -2.38 -9.28
N ILE B 33 -1.22 -3.30 -9.89
CA ILE B 33 -0.15 -2.80 -10.77
C ILE B 33 -0.35 -3.15 -12.24
N SER B 34 -1.40 -3.93 -12.51
CA SER B 34 -1.79 -4.17 -13.91
C SER B 34 -3.18 -4.78 -13.86
N ASP B 35 -3.82 -5.17 -14.96
CA ASP B 35 -5.19 -5.74 -14.82
C ASP B 35 -5.18 -7.14 -14.22
N ARG B 36 -4.04 -7.80 -14.00
CA ARG B 36 -4.02 -9.15 -13.44
C ARG B 36 -3.02 -9.34 -12.29
N TRP B 37 -2.27 -8.31 -11.90
CA TRP B 37 -1.28 -8.43 -10.83
C TRP B 37 -1.52 -7.42 -9.70
N VAL B 38 -1.39 -7.97 -8.49
CA VAL B 38 -1.59 -7.20 -7.26
C VAL B 38 -0.34 -7.36 -6.42
N LEU B 39 0.20 -6.27 -5.87
CA LEU B 39 1.40 -6.26 -5.03
C LEU B 39 1.01 -6.11 -3.56
N THR B 40 1.70 -6.77 -2.66
CA THR B 40 1.42 -6.64 -1.22
C THR B 40 2.71 -6.98 -0.46
N ALA B 41 2.59 -7.00 0.87
CA ALA B 41 3.69 -7.40 1.77
C ALA B 41 3.64 -8.90 1.94
N ALA B 42 4.81 -9.53 1.91
CA ALA B 42 4.88 -10.98 2.15
C ALA B 42 4.27 -11.31 3.50
N HIS B 43 4.45 -10.49 4.54
CA HIS B 43 4.00 -10.88 5.88
C HIS B 43 2.48 -10.92 5.94
N CYS B 44 1.79 -10.27 4.97
CA CYS B 44 0.35 -10.42 4.88
C CYS B 44 -0.11 -11.84 4.58
N LEU B 45 0.76 -12.60 3.92
CA LEU B 45 0.44 -13.98 3.55
C LEU B 45 1.21 -15.05 4.32
N LEU B 46 2.43 -14.74 4.77
CA LEU B 46 3.28 -15.72 5.41
C LEU B 46 3.98 -15.08 6.59
N TYR B 47 3.63 -15.50 7.79
CA TYR B 47 4.31 -15.02 8.99
C TYR B 47 4.15 -16.12 10.05
N PRO B 48 5.04 -17.12 9.99
CA PRO B 48 5.00 -18.24 10.92
C PRO B 48 4.99 -17.90 12.39
N PRO B 49 5.61 -16.87 12.90
CA PRO B 49 5.48 -16.61 14.36
C PRO B 49 4.04 -16.48 14.79
N TRP B 50 3.15 -16.02 13.90
CA TRP B 50 1.75 -15.79 14.21
C TRP B 50 0.86 -16.86 13.56
N ASP B 51 1.50 -17.96 13.17
CA ASP B 51 0.80 -19.04 12.49
C ASP B 51 0.02 -18.55 11.27
N LYS B 52 0.57 -17.56 10.58
CA LYS B 52 -0.08 -17.10 9.34
C LYS B 52 0.57 -17.76 8.11
N ASN B 53 -0.23 -18.42 7.29
CA ASN B 53 0.27 -19.05 6.07
C ASN B 53 -0.92 -19.24 5.15
N PHE B 54 -1.30 -18.17 4.48
CA PHE B 54 -2.48 -18.24 3.65
C PHE B 54 -2.21 -18.86 2.27
N THR B 55 -3.20 -19.60 1.77
CA THR B 55 -3.18 -20.16 0.42
C THR B 55 -4.15 -19.38 -0.48
N GLU B 56 -4.03 -19.49 -1.78
CA GLU B 56 -4.84 -18.76 -2.75
C GLU B 56 -6.32 -18.81 -2.37
N ASN B 57 -6.81 -20.01 -2.08
CA ASN B 57 -8.25 -20.16 -1.93
C ASN B 57 -8.71 -19.61 -0.58
N ASP B 58 -7.80 -19.18 0.28
CA ASP B 58 -8.22 -18.58 1.54
C ASP B 58 -8.68 -17.13 1.38
N LEU B 59 -8.35 -16.50 0.26
CA LEU B 59 -8.47 -15.06 0.13
C LEU B 59 -9.22 -14.60 -1.12
N LEU B 60 -9.66 -13.34 -1.00
CA LEU B 60 -10.21 -12.56 -2.10
C LEU B 60 -9.52 -11.19 -2.17
N VAL B 61 -9.50 -10.60 -3.37
CA VAL B 61 -9.04 -9.22 -3.47
CA VAL B 61 -9.03 -9.22 -3.53
C VAL B 61 -10.24 -8.35 -3.83
N ARG B 62 -10.42 -7.23 -3.15
CA ARG B 62 -11.53 -6.28 -3.41
C ARG B 62 -10.92 -4.98 -3.93
N ILE B 63 -11.28 -4.60 -5.15
CA ILE B 63 -10.65 -3.45 -5.82
C ILE B 63 -11.66 -2.38 -6.09
N GLY B 64 -11.31 -1.11 -6.06
CA GLY B 64 -12.26 -0.03 -6.27
C GLY B 64 -13.00 0.40 -5.02
N LYS B 65 -12.55 -0.01 -3.81
CA LYS B 65 -13.32 0.26 -2.62
C LYS B 65 -13.02 1.62 -2.03
N HIS B 66 -13.99 2.05 -1.25
CA HIS B 66 -13.90 3.29 -0.48
C HIS B 66 -14.32 2.98 0.95
N SER B 67 -15.56 2.56 1.12
CA SER B 67 -16.05 2.08 2.40
C SER B 67 -15.29 0.83 2.82
N ARG B 68 -14.98 0.72 4.10
CA ARG B 68 -14.27 -0.49 4.59
C ARG B 68 -15.17 -1.70 4.59
N THR B 69 -16.34 -1.55 5.25
CA THR B 69 -17.14 -2.73 5.52
C THR B 69 -18.28 -2.97 4.54
N ARG B 70 -18.73 -1.94 3.83
CA ARG B 70 -19.86 -2.19 2.92
C ARG B 70 -19.50 -2.92 1.63
N TYR B 71 -20.45 -3.64 1.07
CA TYR B 71 -20.28 -4.21 -0.26
C TYR B 71 -20.71 -3.12 -1.24
N GLU B 72 -19.72 -2.64 -2.00
CA GLU B 72 -19.95 -1.39 -2.75
C GLU B 72 -20.40 -1.75 -4.15
N ARG B 73 -21.69 -2.14 -4.16
CA ARG B 73 -22.33 -2.63 -5.37
C ARG B 73 -22.15 -1.70 -6.56
N ASN B 74 -21.81 -2.24 -7.71
CA ASN B 74 -21.61 -1.52 -8.95
C ASN B 74 -20.37 -0.64 -8.98
N ILE B 75 -19.51 -0.71 -7.98
CA ILE B 75 -18.28 0.06 -7.90
C ILE B 75 -17.08 -0.85 -7.67
N GLU B 76 -17.09 -1.57 -6.52
CA GLU B 76 -16.00 -2.49 -6.30
C GLU B 76 -16.15 -3.74 -7.17
N LYS B 77 -14.98 -4.35 -7.38
CA LYS B 77 -14.89 -5.65 -8.05
C LYS B 77 -14.13 -6.61 -7.16
N ILE B 78 -14.58 -7.85 -7.14
CA ILE B 78 -13.98 -8.87 -6.26
C ILE B 78 -13.36 -9.94 -7.13
N SER B 79 -12.10 -10.22 -6.84
CA SER B 79 -11.37 -11.16 -7.66
C SER B 79 -10.79 -12.30 -6.82
N MET B 80 -10.76 -13.46 -7.47
CA MET B 80 -10.10 -14.62 -6.90
C MET B 80 -8.63 -14.69 -7.28
N LEU B 81 -7.82 -15.35 -6.45
CA LEU B 81 -6.40 -15.54 -6.74
C LEU B 81 -6.10 -16.83 -7.50
N GLU B 82 -5.26 -16.60 -8.54
CA GLU B 82 -4.72 -17.75 -9.26
C GLU B 82 -3.44 -18.25 -8.61
N LYS B 83 -2.51 -17.37 -8.23
CA LYS B 83 -1.29 -17.83 -7.59
C LYS B 83 -0.67 -16.71 -6.77
N ILE B 84 -0.11 -17.09 -5.62
CA ILE B 84 0.68 -16.19 -4.79
C ILE B 84 2.17 -16.45 -5.03
N TYR B 85 2.98 -15.41 -5.12
CA TYR B 85 4.44 -15.49 -5.22
C TYR B 85 5.11 -14.68 -4.12
N ILE B 86 5.80 -15.32 -3.19
CA ILE B 86 6.51 -14.57 -2.16
C ILE B 86 7.99 -14.49 -2.50
N HIS B 87 8.64 -13.36 -2.23
CA HIS B 87 10.08 -13.29 -2.48
C HIS B 87 10.81 -14.45 -1.81
N PRO B 88 11.66 -15.16 -2.54
CA PRO B 88 12.31 -16.36 -2.01
C PRO B 88 13.27 -16.09 -0.85
N ARG B 89 13.67 -14.84 -0.67
CA ARG B 89 14.60 -14.42 0.40
C ARG B 89 13.92 -13.50 1.38
N TYR B 90 12.60 -13.46 1.41
CA TYR B 90 11.84 -12.79 2.47
C TYR B 90 12.27 -13.34 3.81
N ASN B 91 12.67 -12.43 4.70
CA ASN B 91 13.22 -12.79 6.03
C ASN B 91 12.18 -12.56 7.11
N TRP B 92 11.32 -13.55 7.30
CA TRP B 92 10.33 -13.42 8.36
C TRP B 92 10.92 -13.74 9.73
N ARG B 93 12.12 -14.32 9.73
CA ARG B 93 12.66 -14.81 11.01
C ARG B 93 13.20 -13.65 11.82
N GLU B 94 13.66 -12.63 11.10
CA GLU B 94 14.38 -11.56 11.78
C GLU B 94 13.75 -10.19 11.64
N ASN B 95 13.82 -9.59 10.44
CA ASN B 95 13.51 -8.16 10.34
C ASN B 95 12.57 -7.82 9.18
N LEU B 96 11.92 -8.83 8.60
CA LEU B 96 11.04 -8.64 7.45
C LEU B 96 11.77 -8.07 6.25
N ASP B 97 13.06 -8.34 6.13
CA ASP B 97 13.77 -7.99 4.89
C ASP B 97 13.08 -8.62 3.68
N ARG B 98 12.96 -7.83 2.61
CA ARG B 98 12.36 -8.22 1.34
C ARG B 98 10.90 -8.64 1.52
N ASP B 99 10.16 -7.76 2.19
CA ASP B 99 8.75 -8.00 2.58
C ASP B 99 7.88 -7.66 1.39
N ILE B 100 7.85 -8.62 0.46
CA ILE B 100 7.12 -8.35 -0.81
C ILE B 100 6.55 -9.64 -1.35
N ALA B 101 5.33 -9.51 -1.92
CA ALA B 101 4.66 -10.63 -2.55
C ALA B 101 3.81 -10.12 -3.71
N LEU B 102 3.63 -11.01 -4.69
CA LEU B 102 2.76 -10.75 -5.82
C LEU B 102 1.60 -11.74 -5.84
N MET B 103 0.44 -11.25 -6.25
CA MET B 103 -0.72 -12.13 -6.42
C MET B 103 -1.22 -12.00 -7.85
N LYS B 104 -1.35 -13.10 -8.57
CA LYS B 104 -1.93 -13.08 -9.91
C LYS B 104 -3.41 -13.40 -9.82
N LEU B 105 -4.25 -12.61 -10.43
CA LEU B 105 -5.70 -12.78 -10.45
C LEU B 105 -6.12 -13.87 -11.42
N LYS B 106 -7.19 -14.58 -11.12
CA LYS B 106 -7.70 -15.57 -12.05
C LYS B 106 -8.18 -14.98 -13.37
N LYS B 107 -8.74 -13.77 -13.34
CA LYS B 107 -9.25 -13.11 -14.53
C LYS B 107 -8.89 -11.62 -14.45
N PRO B 108 -8.84 -10.93 -15.57
CA PRO B 108 -8.43 -9.53 -15.53
C PRO B 108 -9.53 -8.68 -14.88
N VAL B 109 -9.11 -7.65 -14.15
CA VAL B 109 -10.13 -6.74 -13.61
C VAL B 109 -10.37 -5.63 -14.63
N ALA B 110 -11.63 -5.23 -14.79
CA ALA B 110 -11.96 -4.11 -15.64
C ALA B 110 -11.65 -2.76 -14.98
N PHE B 111 -10.86 -1.95 -15.67
CA PHE B 111 -10.53 -0.62 -15.15
C PHE B 111 -11.79 0.25 -15.21
N SER B 112 -11.89 1.22 -14.34
CA SER B 112 -13.02 2.14 -14.22
C SER B 112 -12.56 3.44 -13.61
N ASP B 113 -13.48 4.36 -13.29
CA ASP B 113 -13.09 5.56 -12.58
C ASP B 113 -12.50 5.26 -11.21
N TYR B 114 -12.81 4.11 -10.64
CA TYR B 114 -12.41 3.72 -9.30
C TYR B 114 -11.32 2.66 -9.26
N ILE B 115 -10.95 2.10 -10.41
CA ILE B 115 -10.02 0.98 -10.51
C ILE B 115 -8.99 1.31 -11.58
N HIS B 116 -7.75 1.48 -11.17
CA HIS B 116 -6.73 1.90 -12.15
C HIS B 116 -5.36 1.59 -11.57
N PRO B 117 -4.42 1.08 -12.32
CA PRO B 117 -3.13 0.67 -11.76
C PRO B 117 -2.18 1.86 -11.51
N VAL B 118 -1.33 1.60 -10.51
CA VAL B 118 -0.24 2.51 -10.15
C VAL B 118 1.02 2.16 -10.94
N CYS B 119 1.91 3.12 -11.19
CA CYS B 119 3.19 2.80 -11.81
C CYS B 119 4.21 2.28 -10.79
N LEU B 120 5.11 1.43 -11.31
CA LEU B 120 6.26 1.06 -10.49
C LEU B 120 7.48 1.85 -11.00
N PRO B 121 8.34 2.29 -10.07
CA PRO B 121 9.43 3.19 -10.43
C PRO B 121 10.55 2.54 -11.23
N ASP B 122 11.08 3.30 -12.19
CA ASP B 122 12.36 2.91 -12.79
C ASP B 122 13.46 3.56 -11.95
N ARG B 123 14.71 3.25 -12.32
CA ARG B 123 15.82 3.68 -11.49
C ARG B 123 15.88 5.19 -11.32
N GLU B 124 15.58 5.93 -12.38
CA GLU B 124 15.74 7.39 -12.36
C GLU B 124 14.68 8.07 -11.52
N THR B 125 13.42 7.64 -11.63
CA THR B 125 12.38 8.17 -10.73
C THR B 125 12.72 7.84 -9.28
N ALA B 126 13.20 6.62 -8.98
CA ALA B 126 13.58 6.25 -7.62
C ALA B 126 14.67 7.16 -7.10
N ALA B 127 15.70 7.37 -7.94
CA ALA B 127 16.84 8.13 -7.48
C ALA B 127 16.41 9.57 -7.25
N SER B 128 15.48 10.02 -8.12
CA SER B 128 15.07 11.41 -7.91
C SER B 128 14.17 11.66 -6.72
N LEU B 129 13.29 10.72 -6.41
CA LEU B 129 12.25 10.96 -5.42
C LEU B 129 12.53 10.38 -4.05
N LEU B 130 13.39 9.36 -3.92
CA LEU B 130 13.61 8.78 -2.61
C LEU B 130 14.70 9.56 -1.86
N GLN B 131 14.32 10.75 -1.41
CA GLN B 131 15.22 11.65 -0.70
C GLN B 131 14.60 12.04 0.64
N ALA B 132 15.45 12.14 1.65
CA ALA B 132 14.94 12.59 2.94
C ALA B 132 14.20 13.92 2.80
N GLY B 133 13.01 13.98 3.42
CA GLY B 133 12.25 15.20 3.34
C GLY B 133 11.16 15.14 2.29
N TYR B 134 11.38 14.39 1.22
CA TYR B 134 10.34 14.28 0.20
C TYR B 134 9.17 13.48 0.76
N LYS B 135 7.95 13.92 0.41
CA LYS B 135 6.81 13.24 1.02
C LYS B 135 6.16 12.23 0.09
N GLY B 136 5.69 11.12 0.64
CA GLY B 136 4.82 10.19 -0.05
C GLY B 136 3.51 10.11 0.72
N ARG B 137 2.68 9.22 0.20
CA ARG B 137 1.29 9.10 0.65
C ARG B 137 0.97 7.64 0.92
N VAL B 138 0.40 7.42 2.10
CA VAL B 138 0.08 6.05 2.56
C VAL B 138 -1.43 5.98 2.75
N THR B 139 -2.02 4.86 2.33
CA THR B 139 -3.48 4.70 2.36
C THR B 139 -3.85 3.35 2.94
N GLY B 140 -4.99 3.30 3.64
CA GLY B 140 -5.39 1.99 4.15
C GLY B 140 -6.62 2.07 5.03
N TRP B 141 -7.13 0.89 5.35
CA TRP B 141 -8.31 0.71 6.17
C TRP B 141 -7.93 0.20 7.56
N GLY B 142 -6.65 0.27 7.94
CA GLY B 142 -6.21 -0.22 9.24
C GLY B 142 -6.67 0.68 10.37
N ASN B 143 -6.26 0.29 11.57
CA ASN B 143 -6.63 0.99 12.78
C ASN B 143 -6.32 2.46 12.74
N LEU B 144 -7.21 3.22 13.36
CA LEU B 144 -7.02 4.66 13.52
C LEU B 144 -6.11 4.98 14.70
N LYS B 145 -5.87 3.99 15.55
CA LYS B 145 -4.99 4.25 16.69
C LYS B 145 -4.29 2.96 17.10
N GLU B 146 -3.14 3.09 17.74
CA GLU B 146 -2.48 1.96 18.35
C GLU B 146 -3.34 1.45 19.50
N THR B 147 -3.58 0.15 19.57
CA THR B 147 -4.30 -0.43 20.72
C THR B 147 -3.72 -1.81 21.02
N GLY B 155 -10.34 3.96 16.58
CA GLY B 155 -11.06 2.71 16.34
C GLY B 155 -10.80 2.14 14.95
N GLN B 156 -11.84 1.70 14.23
CA GLN B 156 -11.70 1.32 12.81
C GLN B 156 -12.33 2.35 11.89
N PRO B 157 -11.82 2.69 10.72
CA PRO B 157 -12.48 3.71 9.88
C PRO B 157 -13.68 3.23 9.07
N SER B 158 -14.62 4.15 8.87
CA SER B 158 -15.73 4.00 7.96
C SER B 158 -15.21 3.90 6.53
N VAL B 159 -14.23 4.68 6.12
CA VAL B 159 -13.76 4.70 4.73
C VAL B 159 -12.24 4.76 4.70
N LEU B 160 -11.70 4.57 3.50
CA LEU B 160 -10.28 4.60 3.23
C LEU B 160 -9.64 5.85 3.81
N GLN B 161 -8.51 5.67 4.48
CA GLN B 161 -7.75 6.75 5.08
C GLN B 161 -6.48 7.04 4.30
N VAL B 162 -6.06 8.31 4.33
CA VAL B 162 -4.87 8.80 3.64
CA VAL B 162 -4.89 8.82 3.62
C VAL B 162 -4.00 9.65 4.56
N VAL B 163 -2.71 9.53 4.44
CA VAL B 163 -1.80 10.43 5.22
C VAL B 163 -0.57 10.64 4.35
N ASN B 164 -0.03 11.86 4.34
CA ASN B 164 1.19 12.20 3.63
C ASN B 164 2.33 12.27 4.63
N LEU B 165 3.43 11.60 4.33
CA LEU B 165 4.53 11.52 5.30
C LEU B 165 5.89 11.68 4.63
N PRO B 166 6.81 12.36 5.29
CA PRO B 166 8.15 12.58 4.71
C PRO B 166 9.07 11.40 4.91
N ILE B 167 9.85 11.10 3.88
CA ILE B 167 10.92 10.11 3.98
C ILE B 167 11.98 10.59 4.97
N VAL B 168 12.53 9.68 5.76
CA VAL B 168 13.45 10.09 6.84
C VAL B 168 14.84 9.65 6.50
N GLU B 169 15.84 10.39 6.91
CA GLU B 169 17.26 10.07 6.74
C GLU B 169 17.61 8.70 7.28
N ARG B 170 18.39 7.92 6.56
CA ARG B 170 18.68 6.54 7.00
C ARG B 170 19.30 6.49 8.37
N PRO B 171 20.23 7.35 8.80
CA PRO B 171 20.74 7.29 10.19
C PRO B 171 19.66 7.51 11.24
N VAL B 172 18.70 8.39 10.97
CA VAL B 172 17.61 8.60 11.96
C VAL B 172 16.73 7.37 11.99
N CYS B 173 16.41 6.79 10.81
CA CYS B 173 15.71 5.51 10.84
C CYS B 173 16.41 4.46 11.71
N LYS B 174 17.69 4.24 11.47
CA LYS B 174 18.45 3.25 12.19
C LYS B 174 18.50 3.51 13.69
N ASP B 175 18.67 4.80 14.05
CA ASP B 175 18.81 5.16 15.46
C ASP B 175 17.49 5.11 16.21
N SER B 176 16.38 4.90 15.52
CA SER B 176 15.07 4.90 16.14
C SER B 176 14.65 3.51 16.62
N THR B 177 15.49 2.49 16.35
CA THR B 177 15.05 1.11 16.59
C THR B 177 16.28 0.25 16.88
N ARG B 178 16.03 -0.88 17.53
CA ARG B 178 17.00 -1.92 17.74
C ARG B 178 16.97 -2.97 16.62
N ILE B 179 15.95 -2.96 15.78
CA ILE B 179 15.89 -3.89 14.63
C ILE B 179 16.95 -3.55 13.58
N ARG B 180 17.54 -4.57 12.93
CA ARG B 180 18.53 -4.28 11.90
C ARG B 180 17.81 -3.85 10.64
N ILE B 181 18.14 -2.64 10.18
CA ILE B 181 17.54 -2.11 8.93
C ILE B 181 18.39 -2.46 7.74
N THR B 182 17.79 -2.76 6.61
CA THR B 182 18.54 -3.14 5.40
C THR B 182 18.28 -2.12 4.30
N ASP B 183 19.06 -2.21 3.24
CA ASP B 183 18.88 -1.38 2.04
C ASP B 183 17.57 -1.63 1.30
N ASN B 184 16.85 -2.71 1.65
CA ASN B 184 15.55 -2.99 1.04
C ASN B 184 14.40 -2.39 1.80
N MET B 185 14.66 -1.47 2.71
CA MET B 185 13.70 -0.76 3.52
C MET B 185 14.02 0.74 3.54
N PHE B 186 12.93 1.51 3.70
CA PHE B 186 13.14 2.90 4.06
C PHE B 186 12.12 3.27 5.14
N CYS B 187 12.35 4.40 5.83
CA CYS B 187 11.34 4.73 6.85
C CYS B 187 10.82 6.14 6.54
N ALA B 188 9.63 6.42 7.10
CA ALA B 188 8.95 7.71 6.82
C ALA B 188 8.11 8.11 8.01
N GLY B 189 7.87 9.41 8.19
CA GLY B 189 7.11 9.88 9.34
C GLY B 189 7.74 11.19 9.81
N TYR B 190 6.96 11.93 10.61
CA TYR B 190 7.48 13.15 11.17
C TYR B 190 8.28 12.92 12.43
N LYS B 191 9.22 13.83 12.67
CA LYS B 191 9.98 13.77 13.92
C LYS B 191 9.20 14.48 15.02
N PRO B 192 9.50 14.17 16.27
CA PRO B 192 8.82 14.83 17.40
C PRO B 192 8.80 16.35 17.30
N ASP B 193 9.87 16.99 16.84
CA ASP B 193 9.91 18.44 16.78
C ASP B 193 9.24 19.05 15.55
N GLU B 194 8.59 18.26 14.69
CA GLU B 194 8.05 18.75 13.43
C GLU B 194 6.59 19.16 13.59
N GLY B 195 6.06 18.86 14.78
CA GLY B 195 4.65 19.08 15.11
C GLY B 195 3.75 18.00 14.51
N LYS B 196 3.54 18.01 13.22
CA LYS B 196 2.66 17.12 12.48
C LYS B 196 2.90 15.66 12.83
N ARG B 197 1.90 14.78 12.64
CA ARG B 197 2.14 13.37 12.89
C ARG B 197 1.35 12.50 11.92
N GLY B 198 1.23 11.20 12.16
CA GLY B 198 0.63 10.28 11.22
C GLY B 198 1.47 9.05 11.01
N ASP B 199 0.81 7.93 10.77
CA ASP B 199 1.52 6.68 10.58
C ASP B 199 0.53 5.67 10.01
N ALA B 200 1.11 4.58 9.46
CA ALA B 200 0.36 3.37 9.22
C ALA B 200 0.12 2.64 10.55
N CYS B 201 -0.85 1.71 10.54
CA CYS B 201 -1.07 0.90 11.74
C CYS B 201 -1.54 -0.49 11.34
N GLU B 202 -1.82 -1.38 12.30
CA GLU B 202 -2.33 -2.70 12.02
C GLU B 202 -3.49 -2.67 11.02
N GLY B 203 -3.42 -3.50 9.99
CA GLY B 203 -4.40 -3.51 8.92
C GLY B 203 -3.99 -2.75 7.68
N ASP B 204 -3.00 -1.88 7.79
CA ASP B 204 -2.52 -1.09 6.65
C ASP B 204 -1.37 -1.83 5.95
N SER B 205 -0.79 -2.80 6.66
CA SER B 205 0.21 -3.70 6.06
C SER B 205 -0.09 -4.05 4.62
N GLY B 206 0.95 -3.99 3.79
CA GLY B 206 0.80 -4.40 2.39
C GLY B 206 0.32 -3.30 1.47
N GLY B 207 -0.19 -2.19 2.00
CA GLY B 207 -0.68 -1.10 1.19
C GLY B 207 0.46 -0.26 0.65
N PRO B 208 0.12 0.64 -0.27
CA PRO B 208 1.19 1.37 -0.94
C PRO B 208 1.58 2.69 -0.30
N PHE B 209 2.89 3.02 -0.45
CA PHE B 209 3.50 4.32 -0.23
C PHE B 209 3.72 4.89 -1.63
N VAL B 210 3.02 5.98 -2.00
CA VAL B 210 3.10 6.46 -3.39
C VAL B 210 3.59 7.89 -3.42
N MET B 211 4.19 8.24 -4.56
CA MET B 211 4.72 9.59 -4.76
C MET B 211 4.28 10.05 -6.13
N LYS B 212 3.98 11.36 -6.29
CA LYS B 212 3.56 11.82 -7.62
C LYS B 212 4.77 12.46 -8.31
N SER B 213 5.21 11.88 -9.41
CA SER B 213 6.40 12.40 -10.03
C SER B 213 6.16 13.80 -10.57
N PRO B 214 7.01 14.77 -10.24
CA PRO B 214 6.82 16.12 -10.81
C PRO B 214 7.33 16.18 -12.23
N PHE B 215 7.95 15.11 -12.74
CA PHE B 215 8.50 15.13 -14.11
C PHE B 215 7.44 14.76 -15.11
N ASN B 216 6.58 13.78 -14.72
CA ASN B 216 5.58 13.34 -15.68
C ASN B 216 4.16 13.29 -15.11
N ASN B 217 4.04 13.73 -13.86
CA ASN B 217 2.74 13.83 -13.16
C ASN B 217 2.01 12.52 -13.07
N ARG B 218 2.76 11.42 -12.96
CA ARG B 218 2.18 10.12 -12.69
C ARG B 218 2.52 9.63 -11.27
N TRP B 219 1.62 8.84 -10.72
CA TRP B 219 1.86 8.24 -9.40
C TRP B 219 2.65 6.96 -9.49
N TYR B 220 3.64 6.88 -8.62
CA TYR B 220 4.52 5.74 -8.51
C TYR B 220 4.49 5.13 -7.12
N GLN B 221 4.46 3.79 -7.09
CA GLN B 221 4.53 3.15 -5.76
C GLN B 221 6.01 2.91 -5.40
N MET B 222 6.48 3.68 -4.42
CA MET B 222 7.88 3.55 -3.98
C MET B 222 8.01 2.56 -2.84
N GLY B 223 6.93 2.37 -2.04
CA GLY B 223 7.08 1.54 -0.85
C GLY B 223 5.87 0.68 -0.63
N ILE B 224 6.02 -0.33 0.23
CA ILE B 224 4.93 -1.17 0.71
C ILE B 224 4.92 -1.07 2.23
N VAL B 225 3.79 -0.84 2.86
CA VAL B 225 3.72 -0.76 4.33
C VAL B 225 4.19 -2.08 4.91
N SER B 226 5.27 -2.07 5.72
CA SER B 226 5.88 -3.31 6.17
C SER B 226 5.81 -3.44 7.68
N TRP B 227 6.42 -2.53 8.44
CA TRP B 227 6.46 -2.75 9.90
C TRP B 227 6.67 -1.44 10.66
N GLY B 228 6.35 -1.49 11.94
CA GLY B 228 6.48 -0.33 12.82
C GLY B 228 6.36 -0.84 14.25
N GLU B 229 6.96 -0.12 15.15
CA GLU B 229 6.89 -0.50 16.58
C GLU B 229 5.84 0.40 17.20
N GLY B 230 4.65 -0.17 17.38
CA GLY B 230 3.55 0.73 17.72
C GLY B 230 3.02 1.46 16.50
N CYS B 231 2.19 2.48 16.69
CA CYS B 231 1.70 3.31 15.60
C CYS B 231 1.76 4.78 16.05
N ASP B 232 2.36 5.64 15.21
CA ASP B 232 2.42 7.08 15.46
C ASP B 232 3.04 7.38 16.83
N ARG B 233 3.99 6.55 17.28
CA ARG B 233 4.70 6.89 18.51
C ARG B 233 5.77 7.95 18.24
N ASP B 234 5.90 8.89 19.17
CA ASP B 234 7.00 9.86 18.97
C ASP B 234 8.34 9.15 18.94
N GLY B 235 9.17 9.54 17.98
CA GLY B 235 10.55 9.07 17.90
C GLY B 235 10.70 7.74 17.19
N LYS B 236 9.60 7.17 16.72
CA LYS B 236 9.52 5.97 15.90
C LYS B 236 8.96 6.37 14.53
N TYR B 237 9.18 5.48 13.55
CA TYR B 237 8.88 5.72 12.18
C TYR B 237 8.33 4.43 11.56
N GLY B 238 7.52 4.56 10.54
CA GLY B 238 7.03 3.43 9.79
C GLY B 238 8.11 2.98 8.81
N PHE B 239 8.21 1.66 8.65
CA PHE B 239 9.16 1.10 7.69
C PHE B 239 8.43 0.49 6.50
N TYR B 240 9.03 0.68 5.34
CA TYR B 240 8.40 0.37 4.07
C TYR B 240 9.37 -0.45 3.22
N THR B 241 8.82 -1.46 2.52
CA THR B 241 9.65 -2.18 1.57
C THR B 241 10.02 -1.27 0.42
N HIS B 242 11.30 -1.33 0.03
CA HIS B 242 11.81 -0.47 -1.04
C HIS B 242 11.53 -1.14 -2.36
N VAL B 243 10.45 -0.71 -3.04
CA VAL B 243 9.96 -1.42 -4.22
C VAL B 243 11.00 -1.43 -5.33
N PHE B 244 11.63 -0.29 -5.61
CA PHE B 244 12.61 -0.26 -6.70
C PHE B 244 13.72 -1.27 -6.41
N ARG B 245 14.21 -1.47 -5.19
CA ARG B 245 15.32 -2.40 -4.91
C ARG B 245 14.94 -3.85 -5.23
N LEU B 246 13.63 -4.13 -5.26
CA LEU B 246 13.15 -5.48 -5.51
C LEU B 246 12.51 -5.63 -6.89
N LYS B 247 12.73 -4.63 -7.74
CA LYS B 247 12.14 -4.60 -9.07
C LYS B 247 12.50 -5.77 -9.94
N LYS B 248 13.78 -6.18 -9.85
CA LYS B 248 14.20 -7.29 -10.72
C LYS B 248 13.37 -8.56 -10.45
N TRP B 249 13.12 -8.79 -9.16
CA TRP B 249 12.35 -9.96 -8.78
C TRP B 249 10.91 -9.80 -9.27
N ILE B 250 10.32 -8.61 -9.08
CA ILE B 250 8.97 -8.38 -9.61
C ILE B 250 8.87 -8.70 -11.09
N GLN B 251 9.84 -8.14 -11.83
CA GLN B 251 9.88 -8.34 -13.28
C GLN B 251 10.07 -9.79 -13.68
N LYS B 252 10.91 -10.46 -12.87
CA LYS B 252 11.19 -11.86 -13.24
C LYS B 252 9.91 -12.66 -13.03
N VAL B 253 9.16 -12.36 -11.97
CA VAL B 253 7.92 -13.10 -11.74
C VAL B 253 6.93 -12.83 -12.86
N ILE B 254 6.69 -11.56 -13.13
CA ILE B 254 5.71 -11.25 -14.18
C ILE B 254 6.20 -11.72 -15.55
N ASP B 255 7.48 -11.58 -15.87
CA ASP B 255 7.93 -12.15 -17.13
C ASP B 255 7.73 -13.65 -17.24
N GLN B 256 7.90 -14.39 -16.14
CA GLN B 256 7.90 -15.85 -16.26
C GLN B 256 6.50 -16.43 -16.12
N PHE B 257 5.70 -15.75 -15.28
CA PHE B 257 4.39 -16.31 -15.00
C PHE B 257 3.29 -15.49 -15.66
N GLY B 258 3.65 -14.42 -16.36
CA GLY B 258 2.63 -13.63 -17.06
C GLY B 258 1.74 -12.88 -16.08
N GLY C 1 -17.04 -9.33 12.83
CA GLY C 1 -18.40 -9.59 12.36
C GLY C 1 -18.98 -8.38 11.63
N ASP C 2 -18.14 -7.41 11.38
CA ASP C 2 -18.26 -6.07 10.89
C ASP C 2 -18.70 -5.95 9.44
N PHE C 3 -18.35 -6.93 8.61
CA PHE C 3 -18.48 -6.63 7.19
C PHE C 3 -19.82 -6.97 6.60
N GLU C 4 -20.28 -6.14 5.66
CA GLU C 4 -21.48 -6.53 4.92
C GLU C 4 -21.15 -7.80 4.15
N GLU C 5 -22.04 -8.78 4.16
CA GLU C 5 -21.93 -10.04 3.42
C GLU C 5 -21.64 -9.77 1.95
N ILE C 6 -20.74 -10.46 1.27
CA ILE C 6 -20.55 -10.20 -0.16
C ILE C 6 -21.35 -11.20 -0.99
N PRO C 7 -21.57 -10.95 -2.27
CA PRO C 7 -22.40 -11.91 -3.04
C PRO C 7 -21.78 -13.30 -3.06
N GLU C 8 -22.62 -14.31 -2.84
CA GLU C 8 -22.26 -15.71 -2.76
C GLU C 8 -21.32 -16.15 -3.88
N GLU C 9 -21.56 -15.54 -5.04
CA GLU C 9 -20.80 -15.89 -6.23
C GLU C 9 -19.30 -15.84 -5.97
N TYS C 10 -18.89 -14.92 -5.12
CA TYS C 10 -17.41 -14.79 -4.87
CB TYS C 10 -17.10 -13.38 -4.40
CG TYS C 10 -17.61 -12.38 -5.43
CD1 TYS C 10 -16.99 -12.31 -6.71
CD2 TYS C 10 -18.64 -11.49 -5.08
CE1 TYS C 10 -17.43 -11.33 -7.63
CE2 TYS C 10 -19.11 -10.55 -6.00
CZ TYS C 10 -18.49 -10.46 -7.28
OH TYS C 10 -18.93 -9.53 -8.18
S TYS C 10 -18.27 -8.15 -8.24
O1 TYS C 10 -16.88 -8.31 -8.85
O2 TYS C 10 -19.11 -7.54 -9.22
O3 TYS C 10 -18.11 -7.62 -6.92
C TYS C 10 -16.87 -15.77 -3.85
O TYS C 10 -15.63 -15.91 -3.78
NA NA D . 6.42 8.54 14.91
NA NA E . 19.52 1.25 16.04
N1 53U F . 5.71 -4.58 15.53
C2 53U F . 6.33 -5.53 14.58
C3 53U F . 5.70 -5.40 13.21
O1 53U F . 5.62 -4.26 12.72
C1 53U F . 7.83 -5.23 14.53
C16 53U F . 8.67 -6.27 13.78
C17 53U F . 8.67 -7.63 14.14
C21 53U F . 9.47 -5.87 12.70
C18 53U F . 9.44 -8.58 13.45
C20 53U F . 10.24 -6.80 12.01
C19 53U F . 10.24 -8.15 12.38
N2 53U F . 5.26 -6.50 12.56
C7 53U F . 4.68 -6.34 11.22
C8 53U F . 3.50 -5.39 11.31
O2 53U F . 2.79 -5.52 12.31
C6 53U F . 4.05 -7.76 11.05
C5 53U F . 5.09 -8.63 11.78
C4 53U F . 5.35 -7.87 13.10
N3 53U F . 3.36 -4.53 10.29
C9 53U F . 2.14 -3.71 10.29
C10 53U F . 2.53 -2.26 10.60
C11 53U F . 3.16 -1.50 9.62
C12 53U F . 3.51 -0.17 9.89
C13 53U F . 3.23 0.39 11.14
C14 53U F . 2.60 -0.38 12.12
C15 53U F . 2.26 -1.70 11.84
#